data_6SGK
#
_entry.id   6SGK
#
_cell.length_a   98.730
_cell.length_b   56.860
_cell.length_c   73.190
_cell.angle_alpha   90.000
_cell.angle_beta   128.280
_cell.angle_gamma   90.000
#
_symmetry.space_group_name_H-M   'C 1 2 1'
#
loop_
_entity.id
_entity.type
_entity.pdbx_description
1 polymer 'Serine/threonine-protein kinase Nek2'
2 non-polymer 2-phenylazanyl-9~{H}-purine-6-carbonitrile
3 water water
#
_entity_poly.entity_id   1
_entity_poly.type   'polypeptide(L)'
_entity_poly.pdbx_seq_one_letter_code
;MPSRAEDYEVLYTIGTGSYGRCQKIRRKSDGKILVWKELDYGSMTEAEKQMLVSEVNLLRELKHPNIVRYYDRIIDRTNT
TLYIVMEYCEGGDLASVITKGTKERQYLDEEFVLRVMTQLTLALKECHRRSDGGHTVLHRDLKPANVFLDGKQNVKLGDF
GLARILNHDTSFAKTFVGTPYYMSPEQMNRMSYNEKSDIWSLGCLLYELCALMPPFTAFSQKELAGKIREGKFRRIPYRY
SDELNEIITRMLNLKDYHRPSVEEILENPLILEHHHHHH
;
_entity_poly.pdbx_strand_id   A
#
# COMPACT_ATOMS: atom_id res chain seq x y z
N SER A 3 -23.80 -11.36 5.54
CA SER A 3 -24.10 -10.85 6.88
C SER A 3 -23.71 -11.86 7.96
N ARG A 4 -23.61 -13.14 7.59
CA ARG A 4 -23.21 -14.20 8.52
C ARG A 4 -22.05 -14.99 7.92
N ALA A 5 -21.17 -15.49 8.79
CA ALA A 5 -19.98 -16.19 8.30
C ALA A 5 -20.37 -17.39 7.46
N GLU A 6 -21.54 -17.98 7.71
CA GLU A 6 -21.99 -19.16 7.00
C GLU A 6 -22.38 -18.86 5.56
N ASP A 7 -22.59 -17.59 5.22
CA ASP A 7 -22.83 -17.23 3.83
C ASP A 7 -21.55 -17.30 2.99
N TYR A 8 -20.40 -17.53 3.62
CA TYR A 8 -19.13 -17.64 2.91
C TYR A 8 -18.45 -18.96 3.26
N GLU A 9 -17.60 -19.41 2.35
CA GLU A 9 -16.75 -20.58 2.58
C GLU A 9 -15.29 -20.15 2.49
N VAL A 10 -14.50 -20.54 3.48
CA VAL A 10 -13.07 -20.24 3.45
C VAL A 10 -12.41 -21.19 2.47
N LEU A 11 -11.63 -20.64 1.54
CA LEU A 11 -10.86 -21.47 0.63
C LEU A 11 -9.48 -21.82 1.22
N TYR A 12 -8.77 -20.83 1.74
CA TYR A 12 -7.49 -21.09 2.38
C TYR A 12 -6.93 -19.79 2.93
N THR A 13 -5.95 -19.92 3.81
CA THR A 13 -5.34 -18.76 4.42
C THR A 13 -4.30 -18.18 3.46
N ILE A 14 -4.47 -16.92 3.07
CA ILE A 14 -3.51 -16.24 2.21
C ILE A 14 -2.26 -15.88 3.00
N GLY A 15 -2.46 -15.33 4.18
CA GLY A 15 -1.35 -14.96 5.03
C GLY A 15 -1.83 -14.50 6.38
N THR A 16 -0.98 -14.63 7.39
CA THR A 16 -1.29 -14.17 8.73
C THR A 16 -0.58 -12.84 8.93
N GLY A 17 -1.35 -11.77 9.02
CA GLY A 17 -0.81 -10.44 9.14
C GLY A 17 -0.70 -9.99 10.59
N SER A 18 -0.84 -8.68 10.79
CA SER A 18 -0.70 -8.11 12.13
C SER A 18 -1.91 -8.42 12.99
N TYR A 19 -3.10 -8.03 12.53
CA TYR A 19 -4.33 -8.16 13.30
C TYR A 19 -4.92 -9.57 13.26
N GLY A 20 -4.47 -10.41 12.35
CA GLY A 20 -5.03 -11.74 12.23
C GLY A 20 -4.77 -12.28 10.83
N ARG A 21 -5.55 -13.31 10.49
CA ARG A 21 -5.38 -13.97 9.21
C ARG A 21 -6.12 -13.24 8.10
N CYS A 22 -5.54 -13.28 6.92
CA CYS A 22 -6.24 -12.90 5.70
C CYS A 22 -6.59 -14.18 4.96
N GLN A 23 -7.88 -14.45 4.80
CA GLN A 23 -8.32 -15.69 4.19
C GLN A 23 -9.03 -15.41 2.88
N LYS A 24 -8.74 -16.25 1.89
CA LYS A 24 -9.50 -16.21 0.65
C LYS A 24 -10.82 -16.93 0.90
N ILE A 25 -11.92 -16.34 0.45
CA ILE A 25 -13.24 -16.91 0.71
C ILE A 25 -14.08 -16.86 -0.56
N ARG A 26 -15.11 -17.70 -0.59
CA ARG A 26 -16.08 -17.72 -1.68
C ARG A 26 -17.44 -17.37 -1.11
N ARG A 27 -18.12 -16.43 -1.75
CA ARG A 27 -19.47 -16.04 -1.35
C ARG A 27 -20.45 -17.05 -1.93
N LYS A 28 -21.27 -17.65 -1.07
CA LYS A 28 -22.12 -18.76 -1.51
C LYS A 28 -23.17 -18.30 -2.51
N SER A 29 -23.75 -17.11 -2.30
CA SER A 29 -24.87 -16.68 -3.15
C SER A 29 -24.50 -16.70 -4.62
N ASP A 30 -23.38 -16.06 -4.98
CA ASP A 30 -22.98 -15.94 -6.38
C ASP A 30 -21.62 -16.54 -6.70
N GLY A 31 -20.94 -17.16 -5.74
CA GLY A 31 -19.63 -17.73 -6.02
C GLY A 31 -18.49 -16.73 -6.11
N LYS A 32 -18.73 -15.47 -5.72
CA LYS A 32 -17.74 -14.41 -5.85
C LYS A 32 -16.55 -14.65 -4.93
N ILE A 33 -15.34 -14.55 -5.48
CA ILE A 33 -14.12 -14.74 -4.71
C ILE A 33 -13.77 -13.42 -4.01
N LEU A 34 -13.61 -13.48 -2.68
CA LEU A 34 -13.30 -12.32 -1.84
C LEU A 34 -12.19 -12.72 -0.88
N VAL A 35 -11.80 -11.81 0.02
CA VAL A 35 -11.04 -12.19 1.20
C VAL A 35 -11.79 -11.65 2.40
N TRP A 36 -11.41 -12.15 3.57
CA TRP A 36 -11.75 -11.45 4.80
C TRP A 36 -10.54 -11.45 5.72
N LYS A 37 -10.43 -10.37 6.49
CA LYS A 37 -9.45 -10.23 7.56
C LYS A 37 -10.11 -10.63 8.88
N GLU A 38 -9.41 -11.46 9.65
CA GLU A 38 -9.88 -11.94 10.95
C GLU A 38 -9.32 -11.04 12.04
N LEU A 39 -10.19 -10.32 12.75
CA LEU A 39 -9.79 -9.43 13.83
C LEU A 39 -10.36 -9.99 15.14
N ASP A 40 -9.49 -10.40 16.05
CA ASP A 40 -9.91 -10.96 17.34
C ASP A 40 -10.21 -9.79 18.26
N TYR A 41 -11.49 -9.41 18.33
CA TYR A 41 -11.90 -8.36 19.25
C TYR A 41 -12.12 -8.89 20.66
N GLY A 42 -11.56 -10.07 20.97
CA GLY A 42 -11.86 -10.71 22.24
C GLY A 42 -11.45 -9.88 23.44
N SER A 43 -10.29 -9.22 23.37
CA SER A 43 -9.74 -8.48 24.50
C SER A 43 -10.00 -6.98 24.41
N MET A 44 -10.91 -6.55 23.53
CA MET A 44 -11.50 -5.23 23.64
C MET A 44 -12.80 -5.33 24.43
N THR A 45 -13.19 -4.27 25.16
CA THR A 45 -12.69 -2.87 25.20
C THR A 45 -13.75 -2.01 24.51
N GLU A 46 -14.78 -1.63 25.27
CA GLU A 46 -15.95 -1.00 24.68
C GLU A 46 -15.59 0.28 23.94
N ALA A 47 -14.76 1.13 24.55
CA ALA A 47 -14.32 2.34 23.86
C ALA A 47 -13.50 1.98 22.62
N GLU A 48 -12.59 1.01 22.76
CA GLU A 48 -11.83 0.54 21.61
C GLU A 48 -12.73 -0.04 20.54
N LYS A 49 -13.80 -0.72 20.95
CA LYS A 49 -14.72 -1.31 19.97
C LYS A 49 -15.49 -0.24 19.22
N GLN A 50 -15.87 0.85 19.91
CA GLN A 50 -16.49 1.97 19.21
C GLN A 50 -15.53 2.62 18.22
N MET A 51 -14.27 2.80 18.65
CA MET A 51 -13.25 3.28 17.72
C MET A 51 -13.20 2.41 16.47
N LEU A 52 -13.14 1.10 16.66
CA LEU A 52 -13.04 0.17 15.54
C LEU A 52 -14.27 0.28 14.63
N VAL A 53 -15.47 0.38 15.22
CA VAL A 53 -16.67 0.47 14.39
C VAL A 53 -16.63 1.73 13.53
N SER A 54 -16.16 2.85 14.10
CA SER A 54 -16.12 4.07 13.30
C SER A 54 -15.09 3.96 12.17
N GLU A 55 -13.93 3.37 12.48
CA GLU A 55 -12.94 3.18 11.42
C GLU A 55 -13.49 2.28 10.33
N VAL A 56 -14.22 1.23 10.70
CA VAL A 56 -14.82 0.35 9.71
C VAL A 56 -15.84 1.10 8.87
N ASN A 57 -16.61 1.99 9.48
CA ASN A 57 -17.52 2.85 8.72
C ASN A 57 -16.79 3.60 7.62
N LEU A 58 -15.74 4.32 8.01
CA LEU A 58 -15.09 5.18 7.04
C LEU A 58 -14.32 4.39 6.00
N LEU A 59 -13.88 3.17 6.31
CA LEU A 59 -13.46 2.29 5.22
C LEU A 59 -14.65 1.88 4.36
N ARG A 60 -15.82 1.68 4.96
CA ARG A 60 -17.01 1.30 4.21
C ARG A 60 -17.32 2.33 3.13
N GLU A 61 -16.96 3.59 3.37
CA GLU A 61 -17.27 4.63 2.40
C GLU A 61 -16.16 4.89 1.38
N LEU A 62 -14.97 4.30 1.53
CA LEU A 62 -13.83 4.57 0.64
C LEU A 62 -13.94 3.74 -0.63
N LYS A 63 -14.56 4.31 -1.67
CA LYS A 63 -14.84 3.60 -2.92
C LYS A 63 -14.01 4.22 -4.05
N HIS A 64 -13.10 3.45 -4.62
CA HIS A 64 -12.16 3.98 -5.60
C HIS A 64 -11.50 2.81 -6.32
N PRO A 65 -11.28 2.89 -7.63
CA PRO A 65 -10.69 1.74 -8.32
C PRO A 65 -9.28 1.40 -7.87
N ASN A 66 -8.57 2.33 -7.24
CA ASN A 66 -7.20 2.07 -6.77
C ASN A 66 -7.11 1.93 -5.26
N ILE A 67 -8.22 1.65 -4.59
CA ILE A 67 -8.24 1.33 -3.17
C ILE A 67 -8.98 0.00 -3.01
N VAL A 68 -8.38 -0.91 -2.25
CA VAL A 68 -9.01 -2.20 -2.03
C VAL A 68 -10.44 -1.97 -1.54
N ARG A 69 -11.39 -2.61 -2.20
CA ARG A 69 -12.81 -2.40 -1.97
C ARG A 69 -13.27 -3.11 -0.69
N TYR A 70 -14.03 -2.38 0.13
CA TYR A 70 -14.73 -2.97 1.28
C TYR A 70 -16.07 -3.54 0.83
N TYR A 71 -16.45 -4.69 1.38
CA TYR A 71 -17.73 -5.32 1.04
C TYR A 71 -18.63 -5.55 2.25
N ASP A 72 -18.10 -5.95 3.40
CA ASP A 72 -18.97 -6.41 4.46
C ASP A 72 -18.18 -6.56 5.74
N ARG A 73 -18.92 -6.60 6.85
CA ARG A 73 -18.35 -6.89 8.15
C ARG A 73 -19.29 -7.85 8.86
N ILE A 74 -18.72 -8.89 9.45
CA ILE A 74 -19.49 -9.99 10.02
C ILE A 74 -18.99 -10.24 11.44
N ILE A 75 -19.93 -10.47 12.34
CA ILE A 75 -19.63 -10.77 13.74
C ILE A 75 -19.98 -12.23 14.01
N ASP A 76 -19.11 -12.91 14.76
CA ASP A 76 -19.33 -14.28 15.20
C ASP A 76 -18.96 -14.33 16.68
N ARG A 77 -19.96 -14.21 17.55
CA ARG A 77 -19.71 -14.22 18.98
C ARG A 77 -19.14 -15.55 19.46
N THR A 78 -19.41 -16.63 18.73
CA THR A 78 -18.90 -17.94 19.11
C THR A 78 -17.38 -18.00 19.16
N ASN A 79 -16.68 -16.96 18.67
CA ASN A 79 -15.22 -16.97 18.66
C ASN A 79 -14.58 -15.60 18.84
N THR A 80 -15.36 -14.56 19.21
CA THR A 80 -14.81 -13.21 19.44
C THR A 80 -14.05 -12.68 18.24
N THR A 81 -14.58 -12.93 17.04
CA THR A 81 -13.88 -12.60 15.80
C THR A 81 -14.79 -11.77 14.90
N LEU A 82 -14.26 -10.65 14.42
CA LEU A 82 -14.91 -9.84 13.41
C LEU A 82 -14.21 -10.06 12.07
N TYR A 83 -15.00 -10.30 11.04
CA TYR A 83 -14.47 -10.56 9.70
C TYR A 83 -14.73 -9.33 8.84
N ILE A 84 -13.66 -8.75 8.31
CA ILE A 84 -13.80 -7.66 7.34
C ILE A 84 -13.68 -8.26 5.95
N VAL A 85 -14.78 -8.24 5.21
CA VAL A 85 -14.83 -8.81 3.87
C VAL A 85 -14.39 -7.75 2.86
N MET A 86 -13.40 -8.07 2.03
CA MET A 86 -12.79 -7.12 1.11
C MET A 86 -12.51 -7.78 -0.24
N GLU A 87 -12.25 -6.92 -1.23
CA GLU A 87 -11.86 -7.35 -2.56
C GLU A 87 -10.61 -8.22 -2.52
N TYR A 88 -10.58 -9.25 -3.36
CA TYR A 88 -9.41 -10.11 -3.51
C TYR A 88 -8.57 -9.64 -4.69
N CYS A 89 -7.27 -9.47 -4.47
CA CYS A 89 -6.37 -8.96 -5.50
C CYS A 89 -5.47 -10.10 -5.96
N GLU A 90 -5.79 -10.68 -7.11
CA GLU A 90 -5.17 -11.95 -7.50
C GLU A 90 -3.68 -11.82 -7.81
N GLY A 91 -3.17 -10.62 -8.08
CA GLY A 91 -1.75 -10.51 -8.34
C GLY A 91 -0.86 -10.42 -7.13
N GLY A 92 -1.41 -10.47 -5.92
CA GLY A 92 -0.59 -10.37 -4.73
C GLY A 92 -0.15 -8.94 -4.44
N ASP A 93 0.77 -8.84 -3.47
CA ASP A 93 1.30 -7.59 -2.97
C ASP A 93 2.61 -7.24 -3.67
N LEU A 94 3.05 -6.00 -3.49
CA LEU A 94 4.25 -5.54 -4.16
C LEU A 94 5.52 -6.02 -3.46
N ALA A 95 5.46 -6.27 -2.15
CA ALA A 95 6.63 -6.81 -1.47
C ALA A 95 7.10 -8.09 -2.15
N SER A 96 6.16 -8.97 -2.51
CA SER A 96 6.48 -10.19 -3.22
C SER A 96 7.05 -9.91 -4.60
N VAL A 97 6.53 -8.89 -5.30
CA VAL A 97 7.10 -8.54 -6.59
C VAL A 97 8.56 -8.12 -6.43
N ILE A 98 8.85 -7.33 -5.39
CA ILE A 98 10.21 -6.85 -5.16
C ILE A 98 11.13 -8.01 -4.83
N THR A 99 10.65 -8.93 -3.98
CA THR A 99 11.42 -10.13 -3.65
C THR A 99 11.70 -10.97 -4.90
N LYS A 100 10.67 -11.19 -5.72
CA LYS A 100 10.85 -11.92 -6.97
C LYS A 100 11.88 -11.26 -7.86
N GLY A 101 11.85 -9.93 -7.96
CA GLY A 101 12.87 -9.24 -8.72
C GLY A 101 14.26 -9.46 -8.15
N THR A 102 14.40 -9.36 -6.83
CA THR A 102 15.71 -9.51 -6.20
C THR A 102 16.26 -10.92 -6.43
N LYS A 103 15.43 -11.94 -6.19
CA LYS A 103 15.93 -13.32 -6.26
C LYS A 103 16.29 -13.70 -7.69
N GLU A 104 15.45 -13.34 -8.65
CA GLU A 104 15.71 -13.65 -10.05
C GLU A 104 16.61 -12.62 -10.73
N ARG A 105 17.15 -11.66 -9.97
CA ARG A 105 18.05 -10.64 -10.50
C ARG A 105 17.50 -10.03 -11.80
N GLN A 106 16.26 -9.55 -11.71
CA GLN A 106 15.58 -8.93 -12.86
C GLN A 106 14.87 -7.67 -12.39
N TYR A 107 15.30 -6.51 -12.89
CA TYR A 107 14.65 -5.23 -12.59
C TYR A 107 13.25 -5.18 -13.21
N LEU A 108 12.37 -4.40 -12.59
CA LEU A 108 11.01 -4.24 -13.08
C LEU A 108 10.96 -3.28 -14.25
N ASP A 109 10.02 -3.52 -15.18
CA ASP A 109 9.82 -2.62 -16.31
C ASP A 109 9.47 -1.21 -15.83
N GLU A 110 10.02 -0.20 -16.51
CA GLU A 110 9.64 1.18 -16.19
C GLU A 110 8.13 1.39 -16.38
N GLU A 111 7.52 0.72 -17.36
CA GLU A 111 6.06 0.86 -17.52
C GLU A 111 5.31 0.39 -16.28
N PHE A 112 5.79 -0.68 -15.64
CA PHE A 112 5.13 -1.13 -14.41
C PHE A 112 5.27 -0.07 -13.31
N VAL A 113 6.47 0.50 -13.17
CA VAL A 113 6.70 1.52 -12.14
C VAL A 113 5.82 2.74 -12.40
N LEU A 114 5.61 3.08 -13.68
CA LEU A 114 4.73 4.22 -13.99
C LEU A 114 3.29 3.89 -13.67
N ARG A 115 2.87 2.64 -13.89
CA ARG A 115 1.53 2.24 -13.47
C ARG A 115 1.35 2.39 -11.96
N VAL A 116 2.31 1.88 -11.19
CA VAL A 116 2.21 2.00 -9.73
C VAL A 116 2.17 3.47 -9.33
N MET A 117 3.08 4.27 -9.90
CA MET A 117 3.11 5.68 -9.54
C MET A 117 1.77 6.36 -9.82
N THR A 118 1.25 6.18 -11.04
CA THR A 118 -0.02 6.80 -11.45
C THR A 118 -1.16 6.39 -10.52
N GLN A 119 -1.35 5.08 -10.34
CA GLN A 119 -2.54 4.61 -9.65
C GLN A 119 -2.45 4.81 -8.14
N LEU A 120 -1.25 4.68 -7.55
CA LEU A 120 -1.11 5.01 -6.14
C LEU A 120 -1.24 6.50 -5.89
N THR A 121 -0.78 7.36 -6.83
CA THR A 121 -1.01 8.78 -6.66
C THR A 121 -2.49 9.08 -6.65
N LEU A 122 -3.25 8.43 -7.53
CA LEU A 122 -4.69 8.62 -7.53
C LEU A 122 -5.34 8.09 -6.24
N ALA A 123 -4.89 6.93 -5.75
CA ALA A 123 -5.40 6.46 -4.46
C ALA A 123 -5.16 7.50 -3.37
N LEU A 124 -3.97 8.09 -3.35
CA LEU A 124 -3.65 9.07 -2.32
C LEU A 124 -4.49 10.33 -2.50
N LYS A 125 -4.69 10.74 -3.75
CA LYS A 125 -5.58 11.87 -3.99
C LYS A 125 -6.95 11.62 -3.35
N GLU A 126 -7.49 10.42 -3.52
CA GLU A 126 -8.78 10.12 -2.91
C GLU A 126 -8.68 10.11 -1.39
N CYS A 127 -7.61 9.52 -0.84
CA CYS A 127 -7.45 9.48 0.61
C CYS A 127 -7.38 10.88 1.20
N HIS A 128 -6.69 11.80 0.53
CA HIS A 128 -6.61 13.17 1.01
C HIS A 128 -7.96 13.86 0.89
N ARG A 129 -8.75 13.49 -0.13
CA ARG A 129 -10.08 14.05 -0.26
C ARG A 129 -11.01 13.56 0.85
N ARG A 130 -11.05 12.25 1.08
CA ARG A 130 -12.02 11.63 1.98
C ARG A 130 -11.53 11.63 3.43
N LEU A 142 1.87 3.03 4.09
CA LEU A 142 2.17 2.91 2.66
C LEU A 142 3.52 2.24 2.45
N LYS A 143 3.47 0.94 2.22
CA LYS A 143 4.67 0.13 2.00
C LYS A 143 4.31 -0.98 1.05
N PRO A 144 5.31 -1.68 0.50
CA PRO A 144 5.02 -2.66 -0.56
C PRO A 144 4.03 -3.73 -0.15
N ALA A 145 4.08 -4.17 1.11
CA ALA A 145 3.17 -5.19 1.61
C ALA A 145 1.71 -4.74 1.61
N ASN A 146 1.46 -3.43 1.59
CA ASN A 146 0.11 -2.88 1.61
C ASN A 146 -0.40 -2.47 0.24
N VAL A 147 0.32 -2.81 -0.83
CA VAL A 147 -0.08 -2.46 -2.18
C VAL A 147 -0.25 -3.75 -2.97
N PHE A 148 -1.40 -3.89 -3.64
CA PHE A 148 -1.79 -5.14 -4.27
C PHE A 148 -2.03 -4.92 -5.75
N LEU A 149 -1.91 -6.00 -6.51
CA LEU A 149 -2.21 -6.00 -7.94
C LEU A 149 -3.41 -6.90 -8.18
N ASP A 150 -4.28 -6.49 -9.11
CA ASP A 150 -5.41 -7.33 -9.48
C ASP A 150 -5.01 -8.13 -10.72
N GLY A 151 -5.96 -8.68 -11.45
CA GLY A 151 -5.59 -9.50 -12.59
C GLY A 151 -5.42 -8.75 -13.90
N LYS A 152 -5.62 -7.43 -13.91
CA LYS A 152 -5.65 -6.65 -15.14
C LYS A 152 -4.65 -5.51 -15.09
N GLN A 153 -3.55 -5.69 -14.33
CA GLN A 153 -2.48 -4.71 -14.18
C GLN A 153 -2.86 -3.53 -13.30
N ASN A 154 -3.97 -3.60 -12.58
CA ASN A 154 -4.38 -2.47 -11.75
C ASN A 154 -3.75 -2.56 -10.37
N VAL A 155 -3.53 -1.40 -9.76
CA VAL A 155 -2.82 -1.27 -8.49
C VAL A 155 -3.79 -0.75 -7.45
N LYS A 156 -3.84 -1.39 -6.29
CA LYS A 156 -4.82 -1.07 -5.26
C LYS A 156 -4.12 -0.90 -3.92
N LEU A 157 -4.37 0.23 -3.28
CA LEU A 157 -3.85 0.51 -1.96
C LEU A 157 -4.70 -0.20 -0.92
N GLY A 158 -4.06 -0.99 -0.06
CA GLY A 158 -4.74 -1.70 1.01
C GLY A 158 -4.40 -1.11 2.37
N ASP A 159 -4.47 -1.97 3.39
CA ASP A 159 -4.33 -1.49 4.77
C ASP A 159 -4.57 -2.58 5.80
N PHE A 176 7.73 -3.22 16.44
CA PHE A 176 8.88 -2.62 17.10
C PHE A 176 10.18 -3.12 16.47
N VAL A 177 10.14 -4.32 15.90
CA VAL A 177 11.36 -4.90 15.33
C VAL A 177 11.67 -4.29 13.97
N GLY A 178 10.66 -3.85 13.23
CA GLY A 178 10.87 -3.38 11.88
C GLY A 178 11.56 -2.02 11.83
N THR A 179 12.22 -1.78 10.70
CA THR A 179 12.87 -0.48 10.50
C THR A 179 11.96 0.43 9.70
N PRO A 180 11.68 1.65 10.16
CA PRO A 180 10.79 2.54 9.40
C PRO A 180 11.51 3.10 8.17
N TYR A 181 11.73 2.25 7.15
CA TYR A 181 12.49 2.66 5.99
C TYR A 181 11.88 3.88 5.29
N TYR A 182 10.55 4.01 5.36
CA TYR A 182 9.84 5.04 4.62
C TYR A 182 9.53 6.28 5.47
N MET A 183 10.06 6.35 6.69
CA MET A 183 9.77 7.48 7.57
C MET A 183 10.36 8.77 7.00
N SER A 184 9.53 9.81 6.89
CA SER A 184 9.98 11.08 6.34
C SER A 184 10.65 11.94 7.41
N PRO A 185 11.53 12.87 6.99
CA PRO A 185 12.27 13.67 7.99
C PRO A 185 11.35 14.45 8.91
N GLU A 186 10.30 15.07 8.36
CA GLU A 186 9.42 15.87 9.22
C GLU A 186 8.68 15.00 10.21
N GLN A 187 8.11 13.88 9.74
CA GLN A 187 7.44 12.95 10.64
C GLN A 187 8.41 12.20 11.52
N MET A 188 9.71 12.35 11.29
CA MET A 188 10.71 11.80 12.19
C MET A 188 11.06 12.80 13.28
N ASN A 189 10.93 14.10 13.00
CA ASN A 189 11.12 15.11 14.05
C ASN A 189 9.90 15.20 14.96
N ARG A 190 8.78 15.70 14.45
CA ARG A 190 7.57 15.81 15.24
C ARG A 190 6.41 15.07 14.57
N ASN A 194 0.39 15.55 7.37
CA ASN A 194 1.11 16.14 6.24
C ASN A 194 0.98 15.28 4.98
N GLU A 195 0.22 15.78 3.97
CA GLU A 195 0.07 15.01 2.75
C GLU A 195 1.39 14.85 1.99
N LYS A 196 2.29 15.83 2.15
CA LYS A 196 3.61 15.72 1.53
C LYS A 196 4.44 14.60 2.14
N SER A 197 4.15 14.22 3.40
CA SER A 197 4.80 13.05 3.98
C SER A 197 4.38 11.78 3.24
N ASP A 198 3.11 11.72 2.83
CA ASP A 198 2.67 10.63 1.96
C ASP A 198 3.44 10.64 0.65
N ILE A 199 3.70 11.83 0.10
CA ILE A 199 4.46 11.87 -1.15
C ILE A 199 5.87 11.30 -0.93
N TRP A 200 6.50 11.64 0.20
CA TRP A 200 7.81 11.07 0.51
C TRP A 200 7.75 9.54 0.57
N SER A 201 6.73 9.00 1.25
CA SER A 201 6.60 7.54 1.32
C SER A 201 6.43 6.93 -0.05
N LEU A 202 5.60 7.55 -0.90
CA LEU A 202 5.43 7.03 -2.25
C LEU A 202 6.75 7.05 -3.02
N GLY A 203 7.52 8.12 -2.85
CA GLY A 203 8.86 8.16 -3.41
C GLY A 203 9.72 7.01 -2.95
N CYS A 204 9.72 6.73 -1.65
CA CYS A 204 10.49 5.60 -1.15
C CYS A 204 10.05 4.30 -1.83
N LEU A 205 8.73 4.12 -1.98
CA LEU A 205 8.20 2.89 -2.56
C LEU A 205 8.60 2.74 -4.01
N LEU A 206 8.40 3.81 -4.82
CA LEU A 206 8.78 3.74 -6.22
C LEU A 206 10.29 3.54 -6.37
N TYR A 207 11.08 4.22 -5.54
CA TYR A 207 12.52 3.99 -5.55
C TYR A 207 12.83 2.53 -5.32
N GLU A 208 12.20 1.92 -4.31
CA GLU A 208 12.49 0.53 -4.00
C GLU A 208 12.06 -0.37 -5.15
N LEU A 209 10.96 -0.02 -5.82
CA LEU A 209 10.55 -0.80 -6.98
C LEU A 209 11.62 -0.79 -8.05
N CYS A 210 12.26 0.38 -8.25
CA CYS A 210 13.28 0.53 -9.29
C CYS A 210 14.59 -0.14 -8.90
N ALA A 211 15.08 0.13 -7.70
CA ALA A 211 16.41 -0.31 -7.27
C ALA A 211 16.38 -1.66 -6.57
N LEU A 212 15.19 -2.18 -6.26
CA LEU A 212 15.02 -3.40 -5.46
C LEU A 212 15.63 -3.25 -4.07
N MET A 213 15.84 -2.01 -3.63
CA MET A 213 16.21 -1.73 -2.26
C MET A 213 15.72 -0.34 -1.92
N PRO A 214 15.45 -0.05 -0.65
CA PRO A 214 14.98 1.28 -0.25
C PRO A 214 16.08 2.31 -0.46
N PRO A 215 15.72 3.58 -0.55
CA PRO A 215 16.76 4.60 -0.80
C PRO A 215 17.70 4.77 0.37
N PHE A 216 17.23 4.57 1.60
CA PHE A 216 18.05 4.69 2.79
C PHE A 216 18.03 3.38 3.54
N THR A 217 19.22 2.81 3.78
CA THR A 217 19.34 1.53 4.45
C THR A 217 20.41 1.64 5.53
N ALA A 218 20.17 0.92 6.63
CA ALA A 218 21.10 0.95 7.76
C ALA A 218 20.74 -0.19 8.70
N PHE A 219 21.67 -0.50 9.60
CA PHE A 219 21.48 -1.58 10.56
C PHE A 219 20.93 -1.12 11.90
N SER A 220 20.99 0.17 12.20
CA SER A 220 20.40 0.75 13.40
C SER A 220 19.55 1.95 13.03
N GLN A 221 18.53 2.21 13.86
CA GLN A 221 17.63 3.33 13.59
C GLN A 221 18.35 4.67 13.68
N LYS A 222 19.43 4.76 14.47
CA LYS A 222 20.18 6.01 14.53
C LYS A 222 20.89 6.27 13.20
N GLU A 223 21.53 5.23 12.65
CA GLU A 223 22.16 5.34 11.34
C GLU A 223 21.14 5.67 10.27
N LEU A 224 20.00 4.97 10.30
CA LEU A 224 18.93 5.23 9.35
C LEU A 224 18.44 6.66 9.43
N ALA A 225 18.15 7.15 10.63
CA ALA A 225 17.70 8.53 10.79
C ALA A 225 18.74 9.51 10.27
N GLY A 226 20.02 9.25 10.54
CA GLY A 226 21.05 10.12 9.98
C GLY A 226 21.02 10.16 8.46
N LYS A 227 20.96 8.97 7.84
CA LYS A 227 20.91 8.92 6.38
C LYS A 227 19.67 9.64 5.84
N ILE A 228 18.52 9.46 6.49
CA ILE A 228 17.29 10.12 6.04
C ILE A 228 17.42 11.64 6.16
N ARG A 229 18.03 12.12 7.25
CA ARG A 229 18.17 13.56 7.44
C ARG A 229 19.13 14.16 6.42
N GLU A 230 20.13 13.39 5.97
CA GLU A 230 21.04 13.89 4.94
C GLU A 230 20.41 13.86 3.55
N GLY A 231 19.48 12.94 3.29
CA GLY A 231 18.71 12.99 2.06
C GLY A 231 19.48 12.66 0.80
N LYS A 232 20.62 11.98 0.93
CA LYS A 232 21.41 11.52 -0.21
C LYS A 232 21.11 10.04 -0.46
N PHE A 233 21.10 9.64 -1.72
CA PHE A 233 20.82 8.26 -2.10
C PHE A 233 21.37 8.03 -3.50
N ARG A 234 21.56 6.75 -3.84
CA ARG A 234 22.02 6.42 -5.18
C ARG A 234 20.92 6.69 -6.19
N ARG A 235 21.31 7.11 -7.40
CA ARG A 235 20.36 7.17 -8.50
C ARG A 235 19.73 5.80 -8.71
N ILE A 236 18.48 5.77 -9.15
CA ILE A 236 17.88 4.49 -9.52
C ILE A 236 18.68 3.94 -10.69
N PRO A 237 18.63 2.63 -10.96
CA PRO A 237 19.45 2.08 -12.04
C PRO A 237 19.28 2.82 -13.36
N TYR A 238 20.34 2.81 -14.17
CA TYR A 238 20.39 3.59 -15.39
C TYR A 238 19.45 3.09 -16.47
N ARG A 239 18.93 1.86 -16.36
CA ARG A 239 17.90 1.42 -17.29
C ARG A 239 16.63 2.25 -17.17
N TYR A 240 16.46 2.99 -16.08
CA TYR A 240 15.30 3.86 -15.89
C TYR A 240 15.59 5.25 -16.43
N SER A 241 14.59 5.85 -17.06
CA SER A 241 14.71 7.14 -17.70
C SER A 241 15.08 8.23 -16.69
N ASP A 242 15.75 9.26 -17.20
CA ASP A 242 16.04 10.46 -16.39
C ASP A 242 14.76 11.11 -15.89
N GLU A 243 13.70 11.05 -16.69
CA GLU A 243 12.43 11.63 -16.27
C GLU A 243 11.86 10.93 -15.03
N LEU A 244 11.84 9.59 -15.06
CA LEU A 244 11.37 8.85 -13.89
C LEU A 244 12.28 9.12 -12.68
N ASN A 245 13.60 9.04 -12.90
CA ASN A 245 14.50 9.34 -11.80
C ASN A 245 14.22 10.73 -11.23
N GLU A 246 13.88 11.69 -12.10
CA GLU A 246 13.68 13.05 -11.65
C GLU A 246 12.46 13.17 -10.75
N ILE A 247 11.35 12.54 -11.15
CA ILE A 247 10.14 12.70 -10.34
C ILE A 247 10.29 11.96 -9.00
N ILE A 248 10.89 10.77 -9.01
CA ILE A 248 11.09 10.08 -7.73
C ILE A 248 12.01 10.90 -6.82
N THR A 249 13.09 11.43 -7.39
CA THR A 249 13.99 12.28 -6.62
C THR A 249 13.27 13.49 -6.05
N ARG A 250 12.34 14.10 -6.81
CA ARG A 250 11.60 15.23 -6.29
C ARG A 250 10.73 14.81 -5.12
N MET A 251 10.13 13.62 -5.21
CA MET A 251 9.32 13.13 -4.09
C MET A 251 10.16 12.92 -2.84
N LEU A 252 11.46 12.68 -3.02
CA LEU A 252 12.36 12.46 -1.89
C LEU A 252 13.08 13.73 -1.42
N ASN A 253 12.57 14.90 -1.78
CA ASN A 253 13.18 16.14 -1.31
C ASN A 253 13.06 16.28 0.20
N LEU A 254 14.12 16.75 0.84
CA LEU A 254 14.10 16.90 2.29
C LEU A 254 13.02 17.86 2.74
N LYS A 255 12.73 18.90 1.95
CA LYS A 255 11.69 19.87 2.28
C LYS A 255 10.36 19.41 1.72
N ASP A 256 9.36 19.26 2.59
CA ASP A 256 8.06 18.80 2.10
C ASP A 256 7.48 19.75 1.07
N TYR A 257 7.67 21.06 1.23
CA TYR A 257 7.08 22.02 0.31
C TYR A 257 7.73 21.98 -1.08
N HIS A 258 8.86 21.28 -1.25
CA HIS A 258 9.46 21.07 -2.56
C HIS A 258 9.01 19.76 -3.22
N ARG A 259 8.42 18.83 -2.48
CA ARG A 259 7.91 17.61 -3.09
C ARG A 259 6.69 17.95 -3.94
N PRO A 260 6.48 17.23 -5.05
CA PRO A 260 5.33 17.54 -5.90
C PRO A 260 4.04 17.13 -5.21
N SER A 261 2.98 17.89 -5.49
CA SER A 261 1.65 17.52 -5.06
C SER A 261 1.15 16.34 -5.90
N VAL A 262 0.05 15.71 -5.47
CA VAL A 262 -0.56 14.69 -6.33
C VAL A 262 -0.88 15.29 -7.71
N GLU A 263 -1.40 16.52 -7.73
CA GLU A 263 -1.72 17.15 -8.99
C GLU A 263 -0.48 17.35 -9.86
N GLU A 264 0.63 17.80 -9.25
CA GLU A 264 1.86 18.00 -10.02
C GLU A 264 2.44 16.67 -10.50
N ILE A 265 2.29 15.61 -9.71
CA ILE A 265 2.71 14.29 -10.18
C ILE A 265 1.92 13.89 -11.43
N LEU A 266 0.59 13.97 -11.34
CA LEU A 266 -0.25 13.48 -12.44
C LEU A 266 -0.12 14.33 -13.69
N GLU A 267 0.41 15.56 -13.59
CA GLU A 267 0.71 16.38 -14.75
C GLU A 267 1.97 15.95 -15.48
N ASN A 268 2.75 15.04 -14.91
CA ASN A 268 4.05 14.73 -15.50
C ASN A 268 3.85 14.06 -16.87
N PRO A 269 4.64 14.48 -17.87
CA PRO A 269 4.47 13.90 -19.22
C PRO A 269 4.68 12.40 -19.28
N LEU A 270 5.37 11.82 -18.29
CA LEU A 270 5.51 10.36 -18.25
C LEU A 270 4.17 9.67 -18.18
N ILE A 271 3.20 10.28 -17.52
CA ILE A 271 1.98 9.59 -17.10
C ILE A 271 0.91 9.71 -18.19
N LEU A 272 0.51 8.58 -18.75
CA LEU A 272 -0.39 8.47 -19.90
C LEU A 272 -1.64 7.67 -19.52
N GLU A 273 -2.62 7.64 -20.42
CA GLU A 273 -3.87 6.94 -20.13
C GLU A 273 -3.63 5.48 -19.78
N HIS A 274 -2.76 4.80 -20.53
CA HIS A 274 -2.64 3.37 -20.30
C HIS A 274 -2.01 3.03 -18.96
N HIS A 275 -1.45 4.03 -18.25
CA HIS A 275 -0.93 3.78 -16.91
C HIS A 275 -2.00 3.79 -15.84
N HIS A 276 -3.21 4.25 -16.18
CA HIS A 276 -4.33 4.27 -15.24
C HIS A 276 -5.01 2.90 -15.17
N HIS A 277 -5.97 2.78 -14.28
CA HIS A 277 -6.69 1.53 -14.15
C HIS A 277 -7.54 1.25 -15.38
N HIS A 278 -7.79 -0.03 -15.62
CA HIS A 278 -8.71 -0.46 -16.67
C HIS A 278 -9.47 -1.67 -16.15
N HIS A 279 -10.81 -1.60 -16.21
CA HIS A 279 -11.68 -2.71 -15.82
C HIS A 279 -11.56 -3.84 -16.80
#